data_5UI2
#
_entry.id   5UI2
#
_cell.length_a   217.200
_cell.length_b   40.761
_cell.length_c   75.460
_cell.angle_alpha   90.000
_cell.angle_beta   95.800
_cell.angle_gamma   90.000
#
_symmetry.space_group_name_H-M   'C 1 2 1'
#
loop_
_entity.id
_entity.type
_entity.pdbx_description
1 polymer 'Orange carotenoid-binding protein'
2 branched beta-D-fructofuranose-(2-1)-alpha-D-glucopyranose
3 non-polymer 'CHLORIDE ION'
4 non-polymer "(3'R)-3'-hydroxy-beta,beta-caroten-4-one"
5 water water
#
_entity_poly.entity_id   1
_entity_poly.type   'polypeptide(L)'
_entity_poly.pdbx_seq_one_letter_code
;MPFTIDTARSIFPETLAADVVPATIARFKQLSAEDQLALIWFAYLEMGKTITIAAPGAANMQFAENTLQEIRQMTPLQQT
QAMCDLANRTDTPICRTYASWSPNIKLGFWYELGRFMDQGLVAPIPEGYKLSANANAILVTIQGIDPGQQITVLRNCVVD
MGFDTSKLGSYQRVAEPVVPPQEMSQRTKVQIEGVTNSTVLQYMDNLNANDFDNLISLFAEDGALQPPFQKPIVGKENTL
RFFREECQNLKLIPERGVSEPTEDGYTQIKVTGKVQTPWFGGNVGMNIAWRFLLNPENKVFFVAIDLLASPKELLNL
;
_entity_poly.pdbx_strand_id   A,B
#
# COMPACT_ATOMS: atom_id res chain seq x y z
N PRO A 2 0.53 27.86 -15.14
CA PRO A 2 -0.87 27.53 -14.89
C PRO A 2 -1.05 26.14 -14.29
N PHE A 3 -0.38 25.12 -14.88
CA PHE A 3 -0.45 23.73 -14.43
C PHE A 3 0.84 23.25 -13.82
N THR A 4 0.72 22.38 -12.82
CA THR A 4 1.82 21.70 -12.13
C THR A 4 1.63 20.19 -12.39
N ILE A 5 2.63 19.35 -12.04
CA ILE A 5 2.56 17.89 -12.21
C ILE A 5 1.39 17.32 -11.39
N ASP A 6 1.21 17.81 -10.14
CA ASP A 6 0.14 17.39 -9.23
C ASP A 6 -1.26 17.72 -9.77
N THR A 7 -1.42 18.92 -10.37
CA THR A 7 -2.69 19.39 -10.96
C THR A 7 -3.03 18.53 -12.18
N ALA A 8 -2.00 18.20 -12.98
CA ALA A 8 -2.08 17.39 -14.20
C ALA A 8 -2.52 15.95 -13.94
N ARG A 9 -2.29 15.42 -12.74
CA ARG A 9 -2.66 14.06 -12.32
C ARG A 9 -4.21 13.88 -12.32
N SER A 10 -4.93 15.00 -12.12
CA SER A 10 -6.39 15.09 -12.04
C SER A 10 -7.11 15.22 -13.39
N ILE A 11 -6.36 15.28 -14.52
CA ILE A 11 -6.96 15.40 -15.86
C ILE A 11 -7.83 14.18 -16.18
N PHE A 12 -8.97 14.40 -16.87
CA PHE A 12 -9.97 13.39 -17.22
C PHE A 12 -10.34 12.58 -15.96
N PRO A 13 -10.93 13.24 -14.92
CA PRO A 13 -11.21 12.54 -13.66
C PRO A 13 -12.26 11.44 -13.71
N GLU A 14 -13.03 11.35 -14.81
CA GLU A 14 -14.04 10.31 -14.99
C GLU A 14 -13.44 8.96 -15.44
N THR A 15 -12.11 8.94 -15.73
CA THR A 15 -11.35 7.74 -16.12
C THR A 15 -11.27 6.81 -14.90
N LEU A 16 -12.03 5.70 -14.92
CA LEU A 16 -12.07 4.74 -13.83
C LEU A 16 -10.95 3.70 -13.96
N ALA A 17 -9.88 3.91 -13.19
CA ALA A 17 -8.70 3.04 -13.15
C ALA A 17 -9.03 1.76 -12.38
N ALA A 18 -8.28 0.68 -12.66
CA ALA A 18 -8.43 -0.63 -12.04
C ALA A 18 -7.75 -0.69 -10.65
N ASP A 19 -8.18 0.19 -9.72
CA ASP A 19 -7.61 0.26 -8.36
C ASP A 19 -7.74 -0.99 -7.49
N VAL A 20 -8.41 -2.04 -8.01
CA VAL A 20 -8.53 -3.36 -7.38
C VAL A 20 -7.11 -3.98 -7.37
N VAL A 21 -6.23 -3.56 -8.30
CA VAL A 21 -4.84 -4.01 -8.42
C VAL A 21 -4.06 -3.56 -7.15
N PRO A 22 -3.84 -2.23 -6.85
CA PRO A 22 -3.16 -1.89 -5.59
C PRO A 22 -3.92 -2.34 -4.35
N ALA A 23 -5.27 -2.44 -4.41
CA ALA A 23 -6.09 -2.92 -3.28
C ALA A 23 -5.71 -4.38 -2.93
N THR A 24 -5.65 -5.26 -3.96
CA THR A 24 -5.29 -6.67 -3.81
C THR A 24 -3.83 -6.82 -3.36
N ILE A 25 -2.92 -5.97 -3.88
CA ILE A 25 -1.50 -5.95 -3.50
C ILE A 25 -1.40 -5.65 -1.99
N ALA A 26 -2.13 -4.62 -1.52
CA ALA A 26 -2.16 -4.22 -0.10
C ALA A 26 -2.66 -5.37 0.79
N ARG A 27 -3.68 -6.11 0.33
CA ARG A 27 -4.24 -7.27 1.04
C ARG A 27 -3.17 -8.36 1.11
N PHE A 28 -2.49 -8.61 -0.02
CA PHE A 28 -1.42 -9.60 -0.20
C PHE A 28 -0.24 -9.33 0.74
N LYS A 29 0.16 -8.05 0.88
CA LYS A 29 1.27 -7.60 1.73
C LYS A 29 1.07 -7.91 3.21
N GLN A 30 -0.19 -8.08 3.66
CA GLN A 30 -0.53 -8.41 5.06
C GLN A 30 -0.22 -9.86 5.43
N LEU A 31 -0.16 -10.76 4.43
CA LEU A 31 0.06 -12.19 4.61
C LEU A 31 1.51 -12.51 4.98
N SER A 32 1.73 -13.71 5.57
CA SER A 32 3.05 -14.21 5.91
C SER A 32 3.78 -14.61 4.62
N ALA A 33 5.12 -14.69 4.65
CA ALA A 33 5.94 -15.03 3.50
C ALA A 33 5.58 -16.37 2.84
N GLU A 34 5.37 -17.42 3.65
CA GLU A 34 5.00 -18.75 3.13
C GLU A 34 3.64 -18.74 2.42
N ASP A 35 2.68 -17.97 2.96
CA ASP A 35 1.33 -17.80 2.42
C ASP A 35 1.39 -17.04 1.11
N GLN A 36 2.20 -15.95 1.07
CA GLN A 36 2.44 -15.11 -0.10
C GLN A 36 2.99 -15.92 -1.26
N LEU A 37 4.00 -16.76 -1.00
CA LEU A 37 4.64 -17.61 -2.01
C LEU A 37 3.69 -18.68 -2.54
N ALA A 38 2.90 -19.31 -1.63
CA ALA A 38 1.95 -20.36 -2.01
C ALA A 38 0.81 -19.79 -2.83
N LEU A 39 0.28 -18.61 -2.43
CA LEU A 39 -0.79 -17.91 -3.15
C LEU A 39 -0.38 -17.65 -4.60
N ILE A 40 0.83 -17.07 -4.82
CA ILE A 40 1.34 -16.78 -6.17
C ILE A 40 1.46 -18.10 -6.96
N TRP A 41 1.97 -19.18 -6.31
CA TRP A 41 2.10 -20.49 -6.93
C TRP A 41 0.76 -20.95 -7.50
N PHE A 42 -0.31 -20.91 -6.67
CA PHE A 42 -1.65 -21.33 -7.06
C PHE A 42 -2.30 -20.41 -8.08
N ALA A 43 -2.08 -19.08 -7.97
CA ALA A 43 -2.63 -18.08 -8.91
C ALA A 43 -2.00 -18.23 -10.28
N TYR A 44 -0.68 -18.46 -10.32
CA TYR A 44 0.12 -18.65 -11.54
C TYR A 44 -0.27 -19.96 -12.24
N LEU A 45 -0.43 -21.05 -11.47
CA LEU A 45 -0.80 -22.38 -11.96
C LEU A 45 -2.15 -22.37 -12.70
N GLU A 46 -3.19 -21.75 -12.12
CA GLU A 46 -4.50 -21.71 -12.79
C GLU A 46 -4.48 -20.73 -13.98
N MET A 47 -3.70 -19.64 -13.88
CA MET A 47 -3.53 -18.64 -14.95
C MET A 47 -2.83 -19.26 -16.17
N GLY A 48 -1.86 -20.14 -15.92
CA GLY A 48 -1.09 -20.84 -16.96
C GLY A 48 -1.94 -21.72 -17.86
N LYS A 49 -3.10 -22.18 -17.36
CA LYS A 49 -4.09 -23.01 -18.07
C LYS A 49 -4.82 -22.18 -19.14
N THR A 50 -4.98 -20.87 -18.91
CA THR A 50 -5.71 -19.95 -19.78
C THR A 50 -4.79 -18.98 -20.54
N ILE A 51 -3.86 -18.37 -19.81
CA ILE A 51 -2.91 -17.36 -20.27
C ILE A 51 -1.49 -17.97 -20.35
N THR A 52 -0.93 -18.06 -21.57
CA THR A 52 0.40 -18.62 -21.78
C THR A 52 1.49 -17.55 -21.77
N ILE A 53 2.51 -17.77 -20.93
CA ILE A 53 3.67 -16.89 -20.76
C ILE A 53 4.74 -17.17 -21.81
N ALA A 54 5.40 -16.11 -22.31
CA ALA A 54 6.49 -16.23 -23.27
C ALA A 54 7.79 -16.44 -22.47
N ALA A 55 8.48 -17.56 -22.72
CA ALA A 55 9.73 -17.93 -22.06
C ALA A 55 10.82 -16.85 -22.28
N PRO A 56 11.59 -16.47 -21.25
CA PRO A 56 12.61 -15.42 -21.45
C PRO A 56 13.81 -15.91 -22.25
N GLY A 57 14.36 -15.02 -23.07
CA GLY A 57 15.54 -15.31 -23.89
C GLY A 57 16.82 -15.34 -23.07
N ALA A 58 17.93 -15.75 -23.70
CA ALA A 58 19.26 -15.86 -23.07
C ALA A 58 19.78 -14.51 -22.56
N ALA A 59 19.44 -13.42 -23.27
CA ALA A 59 19.84 -12.05 -22.93
C ALA A 59 19.25 -11.60 -21.58
N ASN A 60 18.08 -12.14 -21.21
CA ASN A 60 17.44 -11.85 -19.92
C ASN A 60 17.98 -12.79 -18.85
N MET A 61 18.04 -14.10 -19.16
CA MET A 61 18.49 -15.17 -18.26
C MET A 61 19.92 -15.04 -17.75
N GLN A 62 20.83 -14.42 -18.53
CA GLN A 62 22.25 -14.25 -18.17
C GLN A 62 22.48 -13.49 -16.85
N PHE A 63 21.63 -12.49 -16.55
CA PHE A 63 21.74 -11.66 -15.34
C PHE A 63 21.38 -12.39 -14.04
N ALA A 64 20.40 -13.31 -14.10
CA ALA A 64 19.93 -14.08 -12.94
C ALA A 64 20.57 -15.48 -12.86
N GLU A 65 21.38 -15.84 -13.87
CA GLU A 65 22.05 -17.14 -14.01
C GLU A 65 22.85 -17.54 -12.78
N ASN A 66 23.74 -16.65 -12.28
CA ASN A 66 24.59 -16.89 -11.11
C ASN A 66 23.77 -17.16 -9.85
N THR A 67 22.72 -16.35 -9.61
CA THR A 67 21.81 -16.47 -8.46
C THR A 67 21.01 -17.78 -8.54
N LEU A 68 20.49 -18.11 -9.73
CA LEU A 68 19.72 -19.34 -9.96
C LEU A 68 20.55 -20.59 -9.73
N GLN A 69 21.82 -20.60 -10.20
CA GLN A 69 22.76 -21.71 -10.03
C GLN A 69 23.08 -21.94 -8.55
N GLU A 70 23.15 -20.85 -7.75
CA GLU A 70 23.38 -20.90 -6.30
C GLU A 70 22.21 -21.64 -5.62
N ILE A 71 20.96 -21.22 -5.94
CA ILE A 71 19.72 -21.81 -5.42
C ILE A 71 19.60 -23.27 -5.87
N ARG A 72 19.99 -23.56 -7.13
CA ARG A 72 19.99 -24.90 -7.72
C ARG A 72 20.91 -25.85 -6.93
N GLN A 73 22.04 -25.35 -6.40
CA GLN A 73 23.02 -26.12 -5.63
C GLN A 73 22.78 -26.12 -4.10
N MET A 74 21.69 -25.47 -3.65
CA MET A 74 21.30 -25.39 -2.24
C MET A 74 20.53 -26.63 -1.79
N THR A 75 20.26 -26.74 -0.48
CA THR A 75 19.46 -27.82 0.10
C THR A 75 17.97 -27.40 0.05
N PRO A 76 16.98 -28.34 0.17
CA PRO A 76 15.57 -27.91 0.13
C PRO A 76 15.18 -26.85 1.16
N LEU A 77 15.71 -26.94 2.41
CA LEU A 77 15.42 -25.96 3.47
C LEU A 77 16.07 -24.61 3.16
N GLN A 78 17.27 -24.61 2.53
CA GLN A 78 17.97 -23.37 2.12
C GLN A 78 17.21 -22.71 0.96
N GLN A 79 16.76 -23.50 -0.03
CA GLN A 79 15.99 -23.06 -1.20
C GLN A 79 14.70 -22.37 -0.77
N THR A 80 13.98 -23.00 0.18
CA THR A 80 12.72 -22.51 0.75
C THR A 80 12.98 -21.22 1.53
N GLN A 81 14.02 -21.20 2.40
CA GLN A 81 14.40 -20.02 3.18
C GLN A 81 14.75 -18.85 2.26
N ALA A 82 15.51 -19.10 1.17
CA ALA A 82 15.90 -18.08 0.20
C ALA A 82 14.68 -17.43 -0.46
N MET A 83 13.66 -18.23 -0.84
CA MET A 83 12.43 -17.72 -1.42
C MET A 83 11.58 -17.00 -0.37
N CYS A 84 11.61 -17.50 0.89
CA CYS A 84 10.90 -16.90 2.04
C CYS A 84 11.50 -15.51 2.31
N ASP A 85 12.85 -15.41 2.28
CA ASP A 85 13.61 -14.17 2.48
C ASP A 85 13.25 -13.14 1.43
N LEU A 86 13.10 -13.58 0.16
CA LEU A 86 12.71 -12.73 -0.96
C LEU A 86 11.35 -12.09 -0.70
N ALA A 87 10.35 -12.90 -0.31
CA ALA A 87 9.00 -12.42 -0.01
C ALA A 87 8.94 -11.54 1.24
N ASN A 88 9.74 -11.89 2.27
CA ASN A 88 9.82 -11.15 3.54
C ASN A 88 10.57 -9.83 3.45
N ARG A 89 11.25 -9.58 2.30
CA ARG A 89 12.06 -8.39 2.03
C ARG A 89 13.23 -8.28 3.00
N THR A 90 13.73 -9.44 3.47
CA THR A 90 14.82 -9.48 4.44
C THR A 90 16.19 -9.20 3.82
N ASP A 91 17.12 -8.73 4.66
CA ASP A 91 18.47 -8.36 4.26
C ASP A 91 19.40 -9.57 4.17
N THR A 92 19.56 -10.12 2.96
CA THR A 92 20.44 -11.27 2.64
C THR A 92 21.17 -10.98 1.32
N PRO A 93 22.33 -11.61 0.99
CA PRO A 93 23.02 -11.30 -0.28
C PRO A 93 22.18 -11.52 -1.54
N ILE A 94 21.37 -12.61 -1.58
CA ILE A 94 20.49 -12.93 -2.70
C ILE A 94 19.41 -11.86 -2.84
N CYS A 95 18.86 -11.39 -1.70
CA CYS A 95 17.83 -10.33 -1.68
C CYS A 95 18.40 -9.00 -2.15
N ARG A 96 19.69 -8.73 -1.84
CA ARG A 96 20.38 -7.52 -2.28
C ARG A 96 20.68 -7.59 -3.78
N THR A 97 21.01 -8.80 -4.30
CA THR A 97 21.27 -9.02 -5.73
C THR A 97 19.97 -8.84 -6.51
N TYR A 98 18.87 -9.45 -6.00
CA TYR A 98 17.52 -9.37 -6.55
C TYR A 98 17.05 -7.92 -6.64
N ALA A 99 17.27 -7.12 -5.58
CA ALA A 99 16.87 -5.71 -5.50
C ALA A 99 17.51 -4.81 -6.59
N SER A 100 18.69 -5.19 -7.10
CA SER A 100 19.40 -4.44 -8.14
C SER A 100 18.81 -4.69 -9.54
N TRP A 101 18.01 -5.76 -9.69
CA TRP A 101 17.44 -6.17 -10.97
C TRP A 101 16.24 -5.35 -11.39
N SER A 102 16.08 -5.20 -12.71
CA SER A 102 14.92 -4.51 -13.30
C SER A 102 13.71 -5.48 -13.23
N PRO A 103 12.44 -5.01 -13.41
CA PRO A 103 11.30 -5.93 -13.36
C PRO A 103 11.40 -7.17 -14.25
N ASN A 104 11.92 -7.02 -15.49
CA ASN A 104 12.06 -8.15 -16.41
C ASN A 104 13.03 -9.24 -15.94
N ILE A 105 14.15 -8.86 -15.28
CA ILE A 105 15.14 -9.82 -14.75
C ILE A 105 14.48 -10.62 -13.62
N LYS A 106 13.82 -9.91 -12.69
CA LYS A 106 13.10 -10.49 -11.55
C LYS A 106 12.03 -11.47 -12.03
N LEU A 107 11.24 -11.09 -13.07
CA LEU A 107 10.19 -11.92 -13.66
C LEU A 107 10.76 -13.19 -14.28
N GLY A 108 11.86 -13.04 -15.04
CA GLY A 108 12.58 -14.13 -15.68
C GLY A 108 13.18 -15.10 -14.69
N PHE A 109 13.66 -14.55 -13.54
CA PHE A 109 14.24 -15.30 -12.41
C PHE A 109 13.17 -16.22 -11.82
N TRP A 110 11.99 -15.64 -11.50
CA TRP A 110 10.86 -16.37 -10.93
C TRP A 110 10.26 -17.39 -11.90
N TYR A 111 10.27 -17.09 -13.22
CA TYR A 111 9.80 -18.03 -14.23
C TYR A 111 10.67 -19.30 -14.19
N GLU A 112 12.00 -19.13 -14.15
CA GLU A 112 12.97 -20.22 -14.08
C GLU A 112 12.81 -21.05 -12.79
N LEU A 113 12.59 -20.37 -11.64
CA LEU A 113 12.38 -21.05 -10.36
C LEU A 113 11.12 -21.93 -10.39
N GLY A 114 10.07 -21.43 -11.04
CA GLY A 114 8.81 -22.16 -11.20
C GLY A 114 8.99 -23.44 -11.98
N ARG A 115 9.81 -23.38 -13.06
CA ARG A 115 10.15 -24.53 -13.91
C ARG A 115 10.94 -25.55 -13.09
N PHE A 116 11.87 -25.07 -12.23
CA PHE A 116 12.69 -25.89 -11.35
C PHE A 116 11.82 -26.60 -10.32
N MET A 117 10.77 -25.91 -9.81
CA MET A 117 9.84 -26.46 -8.82
C MET A 117 8.98 -27.56 -9.44
N ASP A 118 8.61 -27.41 -10.71
CA ASP A 118 7.84 -28.38 -11.48
C ASP A 118 8.67 -29.63 -11.77
N GLN A 119 9.98 -29.43 -12.05
CA GLN A 119 10.96 -30.48 -12.35
C GLN A 119 11.52 -31.18 -11.10
N GLY A 120 11.26 -30.60 -9.93
CA GLY A 120 11.72 -31.12 -8.65
C GLY A 120 13.16 -30.74 -8.32
N LEU A 121 13.72 -29.77 -9.07
CA LEU A 121 15.08 -29.25 -8.89
C LEU A 121 15.15 -28.27 -7.72
N VAL A 122 14.01 -27.58 -7.46
CA VAL A 122 13.86 -26.62 -6.36
C VAL A 122 12.64 -27.05 -5.52
N ALA A 123 12.76 -26.97 -4.17
CA ALA A 123 11.73 -27.34 -3.21
C ALA A 123 10.36 -26.76 -3.60
N PRO A 124 9.38 -27.62 -3.90
CA PRO A 124 8.08 -27.11 -4.36
C PRO A 124 7.15 -26.68 -3.22
N ILE A 125 6.01 -26.05 -3.58
CA ILE A 125 4.99 -25.70 -2.60
C ILE A 125 4.32 -27.05 -2.22
N PRO A 126 4.20 -27.38 -0.91
CA PRO A 126 3.65 -28.70 -0.51
C PRO A 126 2.33 -29.16 -1.13
N GLU A 127 2.08 -30.48 -1.01
CA GLU A 127 0.91 -31.26 -1.45
C GLU A 127 -0.34 -30.42 -1.68
N GLY A 128 -1.03 -30.15 -0.58
CA GLY A 128 -2.24 -29.36 -0.49
C GLY A 128 -2.08 -28.38 0.64
N TYR A 129 -1.14 -27.41 0.44
CA TYR A 129 -0.82 -26.36 1.40
C TYR A 129 -2.10 -25.64 1.78
N LYS A 130 -2.30 -25.43 3.08
CA LYS A 130 -3.48 -24.74 3.55
C LYS A 130 -3.19 -23.25 3.64
N LEU A 131 -3.77 -22.46 2.72
CA LEU A 131 -3.65 -21.00 2.74
C LEU A 131 -4.52 -20.50 3.90
N SER A 132 -4.16 -19.37 4.52
CA SER A 132 -4.96 -18.77 5.59
C SER A 132 -6.30 -18.30 5.02
N ALA A 133 -7.29 -18.02 5.89
CA ALA A 133 -8.62 -17.56 5.49
C ALA A 133 -8.52 -16.29 4.63
N ASN A 134 -7.61 -15.36 5.01
CA ASN A 134 -7.37 -14.13 4.26
C ASN A 134 -6.73 -14.39 2.92
N ALA A 135 -5.73 -15.31 2.85
CA ALA A 135 -5.04 -15.66 1.61
C ALA A 135 -6.00 -16.31 0.60
N ASN A 136 -6.93 -17.16 1.09
CA ASN A 136 -7.93 -17.84 0.26
C ASN A 136 -8.86 -16.81 -0.40
N ALA A 137 -9.28 -15.78 0.35
CA ALA A 137 -10.16 -14.73 -0.16
C ALA A 137 -9.43 -13.86 -1.19
N ILE A 138 -8.11 -13.63 -1.00
CA ILE A 138 -7.27 -12.86 -1.93
C ILE A 138 -7.16 -13.64 -3.25
N LEU A 139 -6.97 -14.96 -3.16
CA LEU A 139 -6.86 -15.85 -4.33
C LEU A 139 -8.16 -15.84 -5.14
N VAL A 140 -9.33 -15.84 -4.44
CA VAL A 140 -10.65 -15.77 -5.07
C VAL A 140 -10.75 -14.43 -5.85
N THR A 141 -10.35 -13.30 -5.22
CA THR A 141 -10.33 -11.97 -5.83
C THR A 141 -9.53 -11.97 -7.13
N ILE A 142 -8.31 -12.55 -7.11
CA ILE A 142 -7.41 -12.64 -8.27
C ILE A 142 -8.05 -13.44 -9.40
N GLN A 143 -8.68 -14.58 -9.06
CA GLN A 143 -9.37 -15.42 -10.04
C GLN A 143 -10.58 -14.72 -10.66
N GLY A 144 -11.16 -13.74 -9.95
CA GLY A 144 -12.33 -12.97 -10.36
C GLY A 144 -12.06 -11.75 -11.22
N ILE A 145 -10.81 -11.26 -11.22
CA ILE A 145 -10.42 -10.08 -12.01
C ILE A 145 -9.97 -10.47 -13.42
N ASP A 146 -9.96 -9.50 -14.36
CA ASP A 146 -9.58 -9.74 -15.75
C ASP A 146 -8.10 -10.11 -15.94
N PRO A 147 -7.71 -10.80 -17.05
CA PRO A 147 -6.30 -11.20 -17.23
C PRO A 147 -5.26 -10.07 -17.13
N GLY A 148 -5.62 -8.88 -17.63
CA GLY A 148 -4.76 -7.70 -17.58
C GLY A 148 -4.48 -7.27 -16.15
N GLN A 149 -5.51 -7.31 -15.29
CA GLN A 149 -5.40 -6.97 -13.87
C GLN A 149 -4.64 -8.07 -13.11
N GLN A 150 -4.88 -9.35 -13.49
CA GLN A 150 -4.24 -10.52 -12.90
C GLN A 150 -2.72 -10.48 -13.06
N ILE A 151 -2.24 -10.22 -14.28
CA ILE A 151 -0.81 -10.17 -14.57
C ILE A 151 -0.12 -8.96 -13.92
N THR A 152 -0.86 -7.84 -13.76
CA THR A 152 -0.35 -6.63 -13.14
C THR A 152 -0.13 -6.89 -11.64
N VAL A 153 -1.08 -7.61 -11.01
CA VAL A 153 -1.00 -8.02 -9.60
C VAL A 153 0.24 -8.89 -9.40
N LEU A 154 0.43 -9.90 -10.27
CA LEU A 154 1.56 -10.82 -10.21
C LEU A 154 2.89 -10.10 -10.38
N ARG A 155 3.00 -9.22 -11.39
CA ARG A 155 4.19 -8.43 -11.68
C ARG A 155 4.57 -7.53 -10.51
N ASN A 156 3.58 -6.79 -9.95
CA ASN A 156 3.82 -5.88 -8.83
C ASN A 156 4.31 -6.60 -7.57
N CYS A 157 3.80 -7.83 -7.33
CA CYS A 157 4.22 -8.68 -6.21
C CYS A 157 5.68 -9.12 -6.38
N VAL A 158 6.06 -9.51 -7.61
CA VAL A 158 7.42 -9.94 -7.99
C VAL A 158 8.41 -8.77 -7.79
N VAL A 159 8.06 -7.58 -8.29
CA VAL A 159 8.86 -6.35 -8.21
C VAL A 159 9.13 -5.96 -6.74
N ASP A 160 8.13 -6.10 -5.86
CA ASP A 160 8.18 -5.76 -4.44
C ASP A 160 8.98 -6.74 -3.57
N MET A 161 9.51 -7.83 -4.13
CA MET A 161 10.29 -8.80 -3.34
C MET A 161 11.75 -8.37 -3.24
N GLY A 162 12.52 -9.04 -2.38
CA GLY A 162 13.93 -8.74 -2.17
C GLY A 162 14.15 -7.57 -1.24
N PHE A 163 15.41 -7.15 -1.07
CA PHE A 163 15.79 -6.05 -0.18
C PHE A 163 15.12 -4.73 -0.54
N ASP A 164 14.65 -3.99 0.47
CA ASP A 164 14.01 -2.70 0.26
C ASP A 164 15.12 -1.64 0.17
N THR A 165 15.22 -1.00 -0.99
CA THR A 165 16.25 0.00 -1.30
C THR A 165 15.72 1.44 -1.23
N SER A 166 14.49 1.64 -0.69
CA SER A 166 13.84 2.95 -0.56
C SER A 166 14.60 3.89 0.38
N LYS A 167 15.22 3.34 1.44
CA LYS A 167 16.00 4.11 2.40
C LYS A 167 17.43 4.39 1.89
N LEU A 168 17.72 4.01 0.63
CA LEU A 168 19.04 4.20 0.03
C LEU A 168 19.05 5.28 -1.06
N GLY A 169 19.98 6.22 -0.95
CA GLY A 169 20.15 7.31 -1.88
C GLY A 169 20.78 6.88 -3.20
N SER A 170 21.49 5.74 -3.17
CA SER A 170 22.15 5.17 -4.34
C SER A 170 22.13 3.65 -4.30
N TYR A 171 21.68 3.02 -5.39
CA TYR A 171 21.66 1.56 -5.49
C TYR A 171 21.99 1.09 -6.89
N GLN A 172 22.79 0.02 -6.98
CA GLN A 172 23.21 -0.58 -8.25
C GLN A 172 21.99 -1.04 -9.06
N ARG A 173 22.02 -0.79 -10.37
CA ARG A 173 20.92 -1.17 -11.24
C ARG A 173 21.32 -2.01 -12.44
N VAL A 174 20.89 -3.27 -12.40
CA VAL A 174 21.10 -4.28 -13.44
C VAL A 174 19.86 -4.34 -14.34
N ALA A 175 20.05 -3.98 -15.62
CA ALA A 175 18.98 -3.98 -16.62
C ALA A 175 19.45 -4.58 -17.94
N GLU A 176 18.50 -5.13 -18.73
CA GLU A 176 18.75 -5.75 -20.04
C GLU A 176 19.37 -4.74 -21.02
N PRO A 177 20.19 -5.18 -22.01
CA PRO A 177 20.74 -4.21 -22.96
C PRO A 177 19.63 -3.55 -23.80
N VAL A 178 19.79 -2.26 -24.12
CA VAL A 178 18.86 -1.48 -24.93
C VAL A 178 19.10 -1.88 -26.39
N VAL A 179 18.10 -2.52 -27.00
CA VAL A 179 18.17 -2.95 -28.40
C VAL A 179 17.95 -1.73 -29.29
N PRO A 180 18.83 -1.46 -30.30
CA PRO A 180 18.62 -0.28 -31.16
C PRO A 180 17.30 -0.35 -31.94
N PRO A 181 16.54 0.77 -32.02
CA PRO A 181 15.21 0.73 -32.68
C PRO A 181 15.16 0.22 -34.11
N GLN A 182 14.00 -0.34 -34.51
CA GLN A 182 13.79 -0.84 -35.87
C GLN A 182 13.88 0.31 -36.89
N GLU A 183 14.33 -0.01 -38.12
CA GLU A 183 14.48 0.98 -39.18
C GLU A 183 13.17 1.72 -39.47
N MET A 184 13.26 3.07 -39.55
CA MET A 184 12.17 4.02 -39.76
C MET A 184 11.14 3.63 -40.82
N SER A 185 11.61 3.18 -42.00
CA SER A 185 10.77 2.80 -43.14
C SER A 185 9.90 1.56 -42.88
N GLN A 186 10.44 0.56 -42.15
CA GLN A 186 9.69 -0.67 -41.86
C GLN A 186 8.69 -0.57 -40.70
N ARG A 187 8.73 0.54 -39.92
CA ARG A 187 7.86 0.79 -38.76
C ARG A 187 6.38 0.88 -39.12
N THR A 188 5.51 0.53 -38.15
CA THR A 188 4.06 0.63 -38.28
C THR A 188 3.62 1.98 -37.73
N LYS A 189 2.49 2.51 -38.23
CA LYS A 189 1.94 3.78 -37.76
C LYS A 189 0.54 3.56 -37.18
N VAL A 190 0.31 4.06 -35.96
CA VAL A 190 -0.99 3.94 -35.31
C VAL A 190 -2.01 4.90 -35.91
N GLN A 191 -3.30 4.58 -35.77
CA GLN A 191 -4.41 5.40 -36.19
C GLN A 191 -5.36 5.47 -35.01
N ILE A 192 -5.66 6.68 -34.56
CA ILE A 192 -6.54 6.91 -33.40
C ILE A 192 -7.76 7.70 -33.86
N GLU A 193 -8.95 7.08 -33.74
CA GLU A 193 -10.21 7.71 -34.11
C GLU A 193 -10.44 8.92 -33.19
N GLY A 194 -10.40 10.11 -33.78
CA GLY A 194 -10.59 11.36 -33.05
C GLY A 194 -9.32 12.08 -32.62
N VAL A 195 -8.12 11.46 -32.81
CA VAL A 195 -6.84 12.07 -32.42
C VAL A 195 -5.86 12.12 -33.59
N THR A 196 -5.48 13.33 -34.01
CA THR A 196 -4.51 13.54 -35.10
C THR A 196 -3.29 14.34 -34.62
N ASN A 197 -3.20 14.62 -33.29
CA ASN A 197 -2.08 15.34 -32.70
C ASN A 197 -0.80 14.51 -32.91
N SER A 198 0.18 15.09 -33.63
CA SER A 198 1.44 14.44 -34.00
C SER A 198 2.31 14.03 -32.83
N THR A 199 2.27 14.76 -31.71
CA THR A 199 3.05 14.40 -30.52
C THR A 199 2.53 13.07 -29.95
N VAL A 200 1.18 12.94 -29.85
CA VAL A 200 0.52 11.72 -29.35
C VAL A 200 0.82 10.54 -30.29
N LEU A 201 0.70 10.77 -31.61
CA LEU A 201 0.98 9.75 -32.64
C LEU A 201 2.43 9.31 -32.65
N GLN A 202 3.39 10.27 -32.54
CA GLN A 202 4.82 9.99 -32.49
C GLN A 202 5.19 9.24 -31.22
N TYR A 203 4.49 9.52 -30.11
CA TYR A 203 4.65 8.87 -28.80
C TYR A 203 4.41 7.38 -28.95
N MET A 204 3.26 7.00 -29.54
CA MET A 204 2.83 5.62 -29.75
C MET A 204 3.77 4.90 -30.72
N ASP A 205 4.06 5.53 -31.88
CA ASP A 205 4.93 4.99 -32.92
C ASP A 205 6.38 4.78 -32.48
N ASN A 206 6.97 5.76 -31.77
CA ASN A 206 8.33 5.64 -31.26
C ASN A 206 8.47 4.55 -30.23
N LEU A 207 7.49 4.43 -29.31
CA LEU A 207 7.50 3.40 -28.28
C LEU A 207 7.33 1.99 -28.88
N ASN A 208 6.49 1.86 -29.94
CA ASN A 208 6.27 0.59 -30.66
C ASN A 208 7.50 0.14 -31.44
N ALA A 209 8.40 1.07 -31.72
CA ALA A 209 9.64 0.83 -32.45
C ALA A 209 10.86 0.78 -31.52
N ASN A 210 10.64 0.98 -30.18
CA ASN A 210 11.67 1.06 -29.13
C ASN A 210 12.63 2.23 -29.37
N ASP A 211 12.13 3.28 -30.03
CA ASP A 211 12.89 4.48 -30.34
C ASP A 211 12.75 5.47 -29.19
N PHE A 212 13.46 5.19 -28.09
CA PHE A 212 13.43 5.98 -26.85
C PHE A 212 14.06 7.36 -26.96
N ASP A 213 15.08 7.51 -27.82
CA ASP A 213 15.78 8.78 -28.06
C ASP A 213 14.87 9.79 -28.76
N ASN A 214 14.07 9.32 -29.73
CA ASN A 214 13.12 10.18 -30.42
C ASN A 214 11.85 10.36 -29.57
N LEU A 215 11.53 9.36 -28.73
CA LEU A 215 10.40 9.40 -27.82
C LEU A 215 10.57 10.48 -26.75
N ILE A 216 11.76 10.53 -26.11
CA ILE A 216 12.07 11.51 -25.07
C ILE A 216 12.07 12.97 -25.56
N SER A 217 12.37 13.19 -26.86
CA SER A 217 12.38 14.50 -27.52
C SER A 217 11.00 15.17 -27.48
N LEU A 218 9.93 14.35 -27.44
CA LEU A 218 8.53 14.79 -27.39
C LEU A 218 8.13 15.33 -26.01
N PHE A 219 8.96 15.06 -24.99
CA PHE A 219 8.72 15.50 -23.61
C PHE A 219 9.38 16.84 -23.33
N ALA A 220 8.69 17.67 -22.55
CA ALA A 220 9.19 18.98 -22.11
C ALA A 220 10.24 18.73 -21.02
N GLU A 221 11.13 19.71 -20.77
CA GLU A 221 12.18 19.60 -19.74
C GLU A 221 11.56 19.38 -18.36
N ASP A 222 10.37 20.00 -18.15
CA ASP A 222 9.54 19.93 -16.95
C ASP A 222 8.72 18.62 -16.92
N GLY A 223 8.61 17.96 -18.07
CA GLY A 223 7.82 16.75 -18.32
C GLY A 223 7.92 15.59 -17.35
N ALA A 224 6.82 14.84 -17.23
CA ALA A 224 6.72 13.67 -16.35
C ALA A 224 5.82 12.58 -16.94
N LEU A 225 6.08 11.32 -16.57
CA LEU A 225 5.31 10.16 -17.01
C LEU A 225 4.87 9.37 -15.78
N GLN A 226 3.56 9.07 -15.70
CA GLN A 226 3.00 8.32 -14.58
C GLN A 226 2.56 6.91 -15.03
N PRO A 227 3.35 5.87 -14.71
CA PRO A 227 2.95 4.50 -15.08
C PRO A 227 1.77 4.03 -14.22
N PRO A 228 1.01 2.96 -14.58
CA PRO A 228 -0.11 2.53 -13.72
C PRO A 228 0.28 2.25 -12.27
N PHE A 229 -0.43 2.93 -11.35
CA PHE A 229 -0.31 2.82 -9.88
C PHE A 229 1.07 3.15 -9.30
N GLN A 230 1.83 3.97 -10.03
CA GLN A 230 3.15 4.43 -9.62
C GLN A 230 3.10 5.94 -9.51
N LYS A 231 4.06 6.54 -8.82
CA LYS A 231 4.13 7.99 -8.70
C LYS A 231 4.72 8.56 -10.01
N PRO A 232 4.43 9.81 -10.42
CA PRO A 232 5.01 10.30 -11.69
C PRO A 232 6.54 10.34 -11.66
N ILE A 233 7.15 9.96 -12.79
CA ILE A 233 8.60 9.98 -12.98
C ILE A 233 8.88 11.31 -13.70
N VAL A 234 9.50 12.27 -12.96
CA VAL A 234 9.77 13.65 -13.38
C VAL A 234 11.16 13.80 -14.02
N GLY A 235 11.22 14.58 -15.11
CA GLY A 235 12.45 14.88 -15.83
C GLY A 235 12.75 13.91 -16.95
N LYS A 236 13.37 14.43 -18.04
CA LYS A 236 13.74 13.66 -19.22
C LYS A 236 14.74 12.55 -18.92
N GLU A 237 15.73 12.81 -18.06
CA GLU A 237 16.77 11.84 -17.67
C GLU A 237 16.17 10.60 -17.01
N ASN A 238 15.27 10.82 -16.03
CA ASN A 238 14.57 9.77 -15.30
C ASN A 238 13.57 9.01 -16.18
N THR A 239 12.82 9.74 -17.03
CA THR A 239 11.83 9.17 -17.95
C THR A 239 12.53 8.30 -19.01
N LEU A 240 13.68 8.75 -19.56
CA LEU A 240 14.45 8.01 -20.56
C LEU A 240 14.98 6.71 -19.99
N ARG A 241 15.53 6.75 -18.75
CA ARG A 241 16.04 5.58 -18.02
C ARG A 241 14.91 4.55 -17.83
N PHE A 242 13.70 5.02 -17.45
CA PHE A 242 12.52 4.17 -17.28
C PHE A 242 12.16 3.47 -18.59
N PHE A 243 12.22 4.20 -19.73
CA PHE A 243 11.93 3.66 -21.06
C PHE A 243 12.92 2.54 -21.42
N ARG A 244 14.23 2.84 -21.31
CA ARG A 244 15.34 1.92 -21.60
C ARG A 244 15.35 0.65 -20.75
N GLU A 245 14.99 0.76 -19.47
CA GLU A 245 15.01 -0.37 -18.52
C GLU A 245 13.74 -1.19 -18.47
N GLU A 246 12.57 -0.54 -18.63
CA GLU A 246 11.27 -1.18 -18.43
C GLU A 246 10.28 -1.19 -19.58
N CYS A 247 10.52 -0.39 -20.64
CA CYS A 247 9.56 -0.26 -21.74
C CYS A 247 9.95 -0.87 -23.08
N GLN A 248 10.81 -1.91 -23.08
CA GLN A 248 11.22 -2.55 -24.32
C GLN A 248 10.20 -3.59 -24.79
N ASN A 249 9.92 -3.60 -26.11
CA ASN A 249 9.03 -4.54 -26.79
C ASN A 249 7.54 -4.52 -26.41
N LEU A 250 7.04 -3.34 -26.00
CA LEU A 250 5.62 -3.18 -25.71
C LEU A 250 4.89 -3.02 -27.03
N LYS A 251 3.61 -3.43 -27.09
CA LYS A 251 2.82 -3.23 -28.30
C LYS A 251 1.62 -2.37 -27.91
N LEU A 252 1.62 -1.10 -28.36
CA LEU A 252 0.52 -0.20 -28.04
C LEU A 252 -0.44 -0.22 -29.20
N ILE A 253 -1.70 -0.57 -28.92
CA ILE A 253 -2.75 -0.61 -29.94
C ILE A 253 -3.84 0.41 -29.53
N PRO A 254 -3.59 1.73 -29.68
CA PRO A 254 -4.64 2.70 -29.34
C PRO A 254 -5.78 2.61 -30.35
N GLU A 255 -7.02 2.85 -29.90
CA GLU A 255 -8.21 2.73 -30.75
C GLU A 255 -8.86 4.08 -31.03
N ARG A 256 -9.20 4.82 -29.97
CA ARG A 256 -9.84 6.12 -30.09
C ARG A 256 -9.45 7.07 -28.98
N GLY A 257 -9.78 8.35 -29.16
CA GLY A 257 -9.47 9.38 -28.19
C GLY A 257 -10.20 10.69 -28.39
N VAL A 258 -9.97 11.64 -27.46
CA VAL A 258 -10.55 12.99 -27.46
C VAL A 258 -9.47 14.02 -27.14
N SER A 259 -9.36 15.04 -28.00
CA SER A 259 -8.42 16.15 -27.86
C SER A 259 -9.23 17.39 -27.50
N GLU A 260 -8.90 18.01 -26.37
CA GLU A 260 -9.63 19.16 -25.84
C GLU A 260 -8.72 20.32 -25.43
N PRO A 261 -9.03 21.57 -25.84
CA PRO A 261 -8.22 22.71 -25.39
C PRO A 261 -8.47 23.02 -23.91
N THR A 262 -7.40 23.32 -23.18
CA THR A 262 -7.46 23.67 -21.75
C THR A 262 -7.05 25.14 -21.55
N GLU A 263 -6.81 25.54 -20.29
CA GLU A 263 -6.41 26.90 -19.91
C GLU A 263 -4.99 27.22 -20.39
N ASP A 264 -4.78 28.48 -20.78
CA ASP A 264 -3.50 29.06 -21.21
C ASP A 264 -2.75 28.32 -22.33
N GLY A 265 -3.46 27.97 -23.39
CA GLY A 265 -2.91 27.31 -24.57
C GLY A 265 -2.55 25.85 -24.45
N TYR A 266 -2.78 25.25 -23.26
CA TYR A 266 -2.50 23.83 -23.00
C TYR A 266 -3.51 22.94 -23.71
N THR A 267 -3.13 21.68 -23.97
CA THR A 267 -4.03 20.71 -24.61
C THR A 267 -4.16 19.46 -23.76
N GLN A 268 -5.41 19.03 -23.54
CA GLN A 268 -5.78 17.85 -22.79
C GLN A 268 -6.19 16.79 -23.82
N ILE A 269 -5.48 15.66 -23.86
CA ILE A 269 -5.78 14.55 -24.78
C ILE A 269 -5.90 13.23 -24.04
N LYS A 270 -7.04 12.54 -24.18
CA LYS A 270 -7.28 11.23 -23.59
C LYS A 270 -7.37 10.22 -24.74
N VAL A 271 -6.61 9.13 -24.65
CA VAL A 271 -6.60 8.04 -25.63
C VAL A 271 -6.90 6.75 -24.88
N THR A 272 -7.72 5.86 -25.46
CA THR A 272 -8.00 4.55 -24.88
C THR A 272 -7.68 3.48 -25.92
N GLY A 273 -7.23 2.33 -25.46
CA GLY A 273 -6.88 1.20 -26.33
C GLY A 273 -6.36 -0.01 -25.59
N LYS A 274 -5.62 -0.86 -26.30
CA LYS A 274 -5.05 -2.08 -25.76
C LYS A 274 -3.53 -2.01 -25.76
N VAL A 275 -2.90 -2.67 -24.78
CA VAL A 275 -1.44 -2.76 -24.67
C VAL A 275 -1.07 -4.24 -24.46
N GLN A 276 -0.09 -4.70 -25.24
CA GLN A 276 0.42 -6.06 -25.15
C GLN A 276 1.81 -6.06 -24.59
N THR A 277 2.03 -6.87 -23.54
CA THR A 277 3.32 -7.02 -22.90
C THR A 277 4.08 -8.16 -23.59
N PRO A 278 5.41 -8.05 -23.80
CA PRO A 278 6.14 -9.16 -24.44
C PRO A 278 6.09 -10.47 -23.64
N TRP A 279 5.71 -10.40 -22.34
CA TRP A 279 5.58 -11.55 -21.47
C TRP A 279 4.42 -12.47 -21.83
N PHE A 280 3.40 -11.94 -22.56
CA PHE A 280 2.22 -12.71 -22.94
C PHE A 280 1.82 -12.54 -24.41
N GLY A 281 2.30 -11.45 -25.03
CA GLY A 281 2.00 -11.12 -26.41
C GLY A 281 0.52 -10.92 -26.64
N GLY A 282 0.00 -11.57 -27.68
CA GLY A 282 -1.41 -11.51 -28.05
C GLY A 282 -2.38 -12.15 -27.08
N ASN A 283 -1.87 -12.99 -26.14
CA ASN A 283 -2.67 -13.70 -25.14
C ASN A 283 -3.34 -12.78 -24.12
N VAL A 284 -2.76 -11.60 -23.85
CA VAL A 284 -3.30 -10.62 -22.90
C VAL A 284 -3.36 -9.22 -23.54
N GLY A 285 -4.56 -8.67 -23.60
CA GLY A 285 -4.82 -7.33 -24.10
C GLY A 285 -5.24 -6.46 -22.93
N MET A 286 -4.31 -5.66 -22.39
CA MET A 286 -4.59 -4.81 -21.24
C MET A 286 -5.39 -3.58 -21.67
N ASN A 287 -6.46 -3.26 -20.93
CA ASN A 287 -7.31 -2.10 -21.20
C ASN A 287 -6.61 -0.88 -20.62
N ILE A 288 -6.13 0.00 -21.49
CA ILE A 288 -5.31 1.15 -21.10
C ILE A 288 -5.89 2.48 -21.56
N ALA A 289 -5.66 3.51 -20.75
CA ALA A 289 -5.99 4.90 -21.07
C ALA A 289 -4.72 5.72 -20.92
N TRP A 290 -4.49 6.62 -21.88
CA TRP A 290 -3.38 7.55 -21.86
C TRP A 290 -3.99 8.91 -21.63
N ARG A 291 -3.53 9.62 -20.60
CA ARG A 291 -4.03 10.95 -20.28
C ARG A 291 -2.89 11.94 -20.46
N PHE A 292 -2.89 12.64 -21.59
CA PHE A 292 -1.86 13.59 -21.97
C PHE A 292 -2.26 15.00 -21.61
N LEU A 293 -1.29 15.78 -21.13
CA LEU A 293 -1.44 17.20 -20.86
C LEU A 293 -0.25 17.83 -21.57
N LEU A 294 -0.52 18.40 -22.74
CA LEU A 294 0.49 19.01 -23.59
C LEU A 294 0.59 20.51 -23.34
N ASN A 295 1.82 21.03 -23.31
CA ASN A 295 2.05 22.46 -23.10
C ASN A 295 1.69 23.28 -24.38
N PRO A 296 1.62 24.63 -24.36
CA PRO A 296 1.28 25.37 -25.60
C PRO A 296 2.21 25.13 -26.80
N GLU A 297 3.37 24.48 -26.57
CA GLU A 297 4.38 24.14 -27.58
C GLU A 297 4.16 22.70 -28.09
N ASN A 298 3.06 22.05 -27.63
CA ASN A 298 2.65 20.68 -27.94
C ASN A 298 3.59 19.57 -27.44
N LYS A 299 4.46 19.92 -26.49
CA LYS A 299 5.38 18.96 -25.87
C LYS A 299 4.67 18.34 -24.66
N VAL A 300 5.01 17.08 -24.33
CA VAL A 300 4.40 16.34 -23.21
C VAL A 300 4.86 16.91 -21.86
N PHE A 301 3.96 17.64 -21.18
CA PHE A 301 4.25 18.16 -19.84
C PHE A 301 3.94 17.05 -18.84
N PHE A 302 2.91 16.24 -19.14
CA PHE A 302 2.49 15.11 -18.32
C PHE A 302 1.71 14.10 -19.12
N VAL A 303 1.98 12.81 -18.86
CA VAL A 303 1.25 11.69 -19.43
C VAL A 303 1.02 10.63 -18.37
N ALA A 304 -0.25 10.32 -18.10
CA ALA A 304 -0.62 9.27 -17.17
C ALA A 304 -1.09 8.06 -17.97
N ILE A 305 -0.59 6.88 -17.61
CA ILE A 305 -0.96 5.63 -18.24
C ILE A 305 -1.75 4.86 -17.18
N ASP A 306 -3.03 4.61 -17.44
CA ASP A 306 -3.90 3.93 -16.49
C ASP A 306 -4.34 2.57 -16.96
N LEU A 307 -4.36 1.59 -16.04
CA LEU A 307 -4.91 0.26 -16.28
C LEU A 307 -6.40 0.49 -15.99
N LEU A 308 -7.28 0.17 -16.94
CA LEU A 308 -8.71 0.42 -16.79
C LEU A 308 -9.48 -0.67 -16.06
N ALA A 309 -10.51 -0.27 -15.30
CA ALA A 309 -11.37 -1.14 -14.50
C ALA A 309 -12.02 -2.25 -15.31
N SER A 310 -12.48 -1.93 -16.53
CA SER A 310 -13.16 -2.87 -17.43
C SER A 310 -13.05 -2.41 -18.89
N PRO A 311 -13.37 -3.28 -19.90
CA PRO A 311 -13.34 -2.80 -21.30
C PRO A 311 -14.38 -1.70 -21.59
N LYS A 312 -15.37 -1.51 -20.68
CA LYS A 312 -16.40 -0.47 -20.76
C LYS A 312 -15.76 0.93 -20.71
N GLU A 313 -14.63 1.06 -19.99
CA GLU A 313 -13.88 2.31 -19.85
C GLU A 313 -13.19 2.77 -21.13
N LEU A 314 -13.10 1.88 -22.14
CA LEU A 314 -12.51 2.20 -23.44
C LEU A 314 -13.40 3.19 -24.20
N LEU A 315 -14.72 3.07 -24.02
CA LEU A 315 -15.73 3.90 -24.67
C LEU A 315 -16.05 5.17 -23.85
N ASN A 316 -15.43 5.32 -22.66
CA ASN A 316 -15.65 6.46 -21.79
C ASN A 316 -14.73 7.63 -22.15
N LEU A 317 -15.25 8.60 -22.94
CA LEU A 317 -14.49 9.79 -23.35
C LEU A 317 -15.23 11.07 -22.98
N PRO B 2 12.01 -23.49 18.55
CA PRO B 2 10.94 -24.07 17.74
C PRO B 2 10.20 -23.04 16.90
N PHE B 3 9.80 -21.92 17.54
CA PHE B 3 9.06 -20.84 16.88
C PHE B 3 9.88 -19.57 16.74
N THR B 4 9.63 -18.84 15.64
CA THR B 4 10.23 -17.55 15.33
C THR B 4 9.08 -16.55 15.25
N ILE B 5 9.37 -15.23 15.19
CA ILE B 5 8.35 -14.17 15.08
C ILE B 5 7.52 -14.35 13.80
N ASP B 6 8.18 -14.69 12.68
CA ASP B 6 7.55 -14.92 11.37
C ASP B 6 6.58 -16.11 11.39
N THR B 7 6.99 -17.22 12.06
CA THR B 7 6.19 -18.45 12.19
C THR B 7 4.95 -18.15 13.04
N ALA B 8 5.13 -17.35 14.12
CA ALA B 8 4.10 -16.94 15.07
C ALA B 8 3.01 -16.07 14.44
N ARG B 9 3.32 -15.35 13.35
CA ARG B 9 2.37 -14.50 12.62
C ARG B 9 1.22 -15.32 12.02
N SER B 10 1.50 -16.61 11.70
CA SER B 10 0.59 -17.57 11.10
C SER B 10 -0.34 -18.31 12.08
N ILE B 11 -0.23 -18.03 13.41
CA ILE B 11 -1.10 -18.68 14.42
C ILE B 11 -2.56 -18.33 14.19
N PHE B 12 -3.45 -19.30 14.41
CA PHE B 12 -4.91 -19.19 14.19
C PHE B 12 -5.16 -18.64 12.76
N PRO B 13 -4.74 -19.39 11.70
CA PRO B 13 -4.86 -18.86 10.33
C PRO B 13 -6.28 -18.67 9.79
N GLU B 14 -7.30 -19.23 10.49
CA GLU B 14 -8.69 -19.07 10.09
C GLU B 14 -9.28 -17.71 10.52
N THR B 15 -8.52 -16.92 11.30
CA THR B 15 -8.90 -15.57 11.75
C THR B 15 -8.93 -14.63 10.53
N LEU B 16 -10.14 -14.25 10.09
CA LEU B 16 -10.34 -13.39 8.93
C LEU B 16 -10.29 -11.92 9.34
N ALA B 17 -9.12 -11.30 9.10
CA ALA B 17 -8.87 -9.89 9.37
C ALA B 17 -9.58 -8.99 8.36
N ALA B 18 -9.86 -7.74 8.74
CA ALA B 18 -10.55 -6.75 7.91
C ALA B 18 -9.61 -6.08 6.90
N ASP B 19 -8.99 -6.90 6.01
CA ASP B 19 -8.06 -6.41 4.99
C ASP B 19 -8.63 -5.42 3.97
N VAL B 20 -9.94 -5.13 4.05
CA VAL B 20 -10.61 -4.10 3.24
C VAL B 20 -10.05 -2.73 3.67
N VAL B 21 -9.54 -2.61 4.91
CA VAL B 21 -8.90 -1.41 5.47
C VAL B 21 -7.62 -1.09 4.66
N PRO B 22 -6.52 -1.92 4.66
CA PRO B 22 -5.38 -1.58 3.80
C PRO B 22 -5.72 -1.55 2.31
N ALA B 23 -6.72 -2.34 1.85
CA ALA B 23 -7.15 -2.32 0.44
C ALA B 23 -7.69 -0.94 0.06
N THR B 24 -8.60 -0.37 0.89
CA THR B 24 -9.20 0.96 0.69
C THR B 24 -8.13 2.06 0.79
N ILE B 25 -7.16 1.91 1.74
CA ILE B 25 -6.05 2.85 1.91
C ILE B 25 -5.23 2.89 0.61
N ALA B 26 -4.90 1.71 0.04
CA ALA B 26 -4.15 1.57 -1.20
C ALA B 26 -4.87 2.25 -2.37
N ARG B 27 -6.21 2.11 -2.44
CA ARG B 27 -7.04 2.73 -3.46
C ARG B 27 -6.98 4.26 -3.28
N PHE B 28 -7.10 4.73 -2.03
CA PHE B 28 -7.04 6.13 -1.62
C PHE B 28 -5.71 6.79 -2.01
N LYS B 29 -4.58 6.08 -1.79
CA LYS B 29 -3.23 6.55 -2.09
C LYS B 29 -3.00 6.86 -3.57
N GLN B 30 -3.79 6.25 -4.48
CA GLN B 30 -3.69 6.47 -5.93
C GLN B 30 -4.27 7.82 -6.37
N LEU B 31 -5.18 8.40 -5.56
CA LEU B 31 -5.87 9.66 -5.86
C LEU B 31 -4.95 10.87 -5.73
N SER B 32 -5.33 11.98 -6.37
CA SER B 32 -4.61 13.25 -6.28
C SER B 32 -4.84 13.86 -4.89
N ALA B 33 -3.93 14.75 -4.45
CA ALA B 33 -4.00 15.38 -3.13
C ALA B 33 -5.34 16.08 -2.85
N GLU B 34 -5.86 16.88 -3.80
CA GLU B 34 -7.14 17.59 -3.66
C GLU B 34 -8.33 16.65 -3.51
N ASP B 35 -8.32 15.52 -4.26
CA ASP B 35 -9.33 14.47 -4.24
C ASP B 35 -9.30 13.74 -2.90
N GLN B 36 -8.07 13.42 -2.40
CA GLN B 36 -7.83 12.78 -1.11
C GLN B 36 -8.42 13.60 0.03
N LEU B 37 -8.18 14.93 -0.02
CA LEU B 37 -8.64 15.89 0.99
C LEU B 37 -10.15 16.06 0.99
N ALA B 38 -10.77 16.08 -0.19
CA ALA B 38 -12.21 16.22 -0.34
C ALA B 38 -12.92 14.93 0.07
N LEU B 39 -12.37 13.76 -0.31
CA LEU B 39 -12.93 12.45 0.05
C LEU B 39 -13.04 12.32 1.58
N ILE B 40 -11.93 12.61 2.31
CA ILE B 40 -11.91 12.55 3.78
C ILE B 40 -12.96 13.52 4.34
N TRP B 41 -13.04 14.75 3.78
CA TRP B 41 -14.04 15.74 4.20
C TRP B 41 -15.46 15.17 4.15
N PHE B 42 -15.83 14.57 3.00
CA PHE B 42 -17.14 13.98 2.79
C PHE B 42 -17.38 12.72 3.62
N ALA B 43 -16.34 11.85 3.75
CA ALA B 43 -16.43 10.62 4.56
C ALA B 43 -16.64 10.97 6.04
N TYR B 44 -15.89 11.96 6.55
CA TYR B 44 -15.95 12.44 7.94
C TYR B 44 -17.32 13.08 8.24
N LEU B 45 -17.82 13.91 7.31
CA LEU B 45 -19.11 14.61 7.43
C LEU B 45 -20.28 13.61 7.53
N GLU B 46 -20.25 12.58 6.66
CA GLU B 46 -21.25 11.53 6.63
C GLU B 46 -21.19 10.67 7.90
N MET B 47 -19.96 10.32 8.34
CA MET B 47 -19.69 9.55 9.57
C MET B 47 -20.26 10.26 10.80
N GLY B 48 -20.05 11.57 10.88
CA GLY B 48 -20.50 12.43 11.97
C GLY B 48 -21.99 12.44 12.21
N LYS B 49 -22.79 12.01 11.21
CA LYS B 49 -24.24 11.99 11.32
C LYS B 49 -24.77 10.92 12.28
N THR B 50 -23.98 9.86 12.52
CA THR B 50 -24.33 8.77 13.42
C THR B 50 -23.24 8.49 14.48
N ILE B 51 -21.98 8.84 14.18
CA ILE B 51 -20.81 8.60 15.05
C ILE B 51 -20.27 9.93 15.57
N THR B 52 -20.18 10.09 16.90
CA THR B 52 -19.68 11.32 17.51
C THR B 52 -18.25 11.18 18.01
N ILE B 53 -17.38 12.09 17.56
CA ILE B 53 -15.97 12.17 17.94
C ILE B 53 -15.80 12.93 19.27
N ALA B 54 -14.88 12.47 20.13
CA ALA B 54 -14.57 13.12 21.40
C ALA B 54 -13.52 14.20 21.11
N ALA B 55 -13.86 15.48 21.42
CA ALA B 55 -12.99 16.62 21.22
C ALA B 55 -11.67 16.45 22.00
N PRO B 56 -10.50 16.77 21.40
CA PRO B 56 -9.23 16.58 22.14
C PRO B 56 -9.04 17.60 23.25
N GLY B 57 -8.43 17.17 24.34
CA GLY B 57 -8.12 18.01 25.49
C GLY B 57 -6.96 18.94 25.21
N ALA B 58 -6.71 19.89 26.15
CA ALA B 58 -5.62 20.88 26.06
C ALA B 58 -4.24 20.23 26.00
N ALA B 59 -4.05 19.09 26.70
CA ALA B 59 -2.80 18.32 26.75
C ALA B 59 -2.41 17.80 25.37
N ASN B 60 -3.38 17.52 24.50
CA ASN B 60 -3.15 17.07 23.13
C ASN B 60 -2.95 18.27 22.20
N MET B 61 -3.84 19.29 22.31
CA MET B 61 -3.85 20.50 21.50
C MET B 61 -2.60 21.38 21.60
N GLN B 62 -1.91 21.37 22.75
CA GLN B 62 -0.70 22.16 23.00
C GLN B 62 0.44 21.92 21.98
N PHE B 63 0.61 20.66 21.55
CA PHE B 63 1.66 20.26 20.61
C PHE B 63 1.46 20.76 19.17
N ALA B 64 0.20 20.83 18.71
CA ALA B 64 -0.15 21.28 17.36
C ALA B 64 -0.57 22.76 17.32
N GLU B 65 -0.63 23.42 18.50
CA GLU B 65 -1.04 24.81 18.69
C GLU B 65 -0.26 25.80 17.82
N ASN B 66 1.09 25.74 17.83
CA ASN B 66 1.97 26.60 17.06
C ASN B 66 1.73 26.47 15.55
N THR B 67 1.60 25.22 15.06
CA THR B 67 1.36 24.91 13.65
C THR B 67 -0.02 25.39 13.21
N LEU B 68 -1.05 25.16 14.05
CA LEU B 68 -2.42 25.58 13.77
C LEU B 68 -2.56 27.10 13.70
N GLN B 69 -1.90 27.83 14.62
CA GLN B 69 -1.89 29.29 14.66
C GLN B 69 -1.23 29.88 13.40
N GLU B 70 -0.19 29.21 12.86
CA GLU B 70 0.50 29.59 11.62
C GLU B 70 -0.50 29.50 10.45
N ILE B 71 -1.20 28.36 10.31
CA ILE B 71 -2.20 28.10 9.27
C ILE B 71 -3.37 29.08 9.42
N ARG B 72 -3.78 29.38 10.66
CA ARG B 72 -4.84 30.32 10.99
C ARG B 72 -4.51 31.75 10.49
N GLN B 73 -3.21 32.13 10.53
CA GLN B 73 -2.73 33.45 10.08
C GLN B 73 -2.31 33.49 8.60
N MET B 74 -2.46 32.37 7.87
CA MET B 74 -2.12 32.27 6.44
C MET B 74 -3.25 32.79 5.54
N THR B 75 -2.97 32.88 4.24
CA THR B 75 -3.94 33.28 3.23
C THR B 75 -4.71 32.02 2.78
N PRO B 76 -5.91 32.13 2.13
CA PRO B 76 -6.61 30.91 1.68
C PRO B 76 -5.79 30.00 0.75
N LEU B 77 -5.00 30.58 -0.18
CA LEU B 77 -4.16 29.80 -1.11
C LEU B 77 -3.01 29.12 -0.37
N GLN B 78 -2.45 29.78 0.69
CA GLN B 78 -1.37 29.21 1.52
C GLN B 78 -1.93 28.07 2.37
N GLN B 79 -3.12 28.27 2.97
CA GLN B 79 -3.83 27.28 3.80
C GLN B 79 -4.10 26.00 3.02
N THR B 80 -4.60 26.16 1.77
CA THR B 80 -4.92 25.08 0.83
C THR B 80 -3.64 24.36 0.43
N GLN B 81 -2.58 25.11 0.05
CA GLN B 81 -1.28 24.55 -0.32
C GLN B 81 -0.67 23.75 0.83
N ALA B 82 -0.75 24.27 2.07
CA ALA B 82 -0.24 23.61 3.27
C ALA B 82 -0.93 22.26 3.48
N MET B 83 -2.26 22.20 3.28
CA MET B 83 -3.05 20.97 3.39
C MET B 83 -2.72 20.01 2.26
N CYS B 84 -2.54 20.54 1.01
CA CYS B 84 -2.16 19.74 -0.17
C CYS B 84 -0.75 19.15 0.04
N ASP B 85 0.17 19.92 0.65
CA ASP B 85 1.54 19.49 0.95
C ASP B 85 1.57 18.33 1.95
N LEU B 86 0.69 18.38 2.97
CA LEU B 86 0.54 17.34 4.00
C LEU B 86 0.11 16.02 3.36
N ALA B 87 -0.92 16.06 2.51
CA ALA B 87 -1.43 14.91 1.76
C ALA B 87 -0.41 14.42 0.71
N ASN B 88 0.34 15.34 0.09
CA ASN B 88 1.33 14.96 -0.93
C ASN B 88 2.64 14.44 -0.37
N ARG B 89 2.87 14.62 0.95
CA ARG B 89 4.08 14.22 1.68
C ARG B 89 5.32 15.01 1.23
N THR B 90 5.14 16.23 0.72
CA THR B 90 6.23 17.08 0.24
C THR B 90 7.08 17.68 1.39
N ASP B 91 8.30 18.13 1.07
CA ASP B 91 9.24 18.71 2.03
C ASP B 91 8.93 20.18 2.31
N THR B 92 8.29 20.45 3.45
CA THR B 92 7.97 21.80 3.94
C THR B 92 8.19 21.83 5.47
N PRO B 93 8.48 22.99 6.12
CA PRO B 93 8.63 22.98 7.58
C PRO B 93 7.42 22.42 8.34
N ILE B 94 6.18 22.74 7.90
CA ILE B 94 4.94 22.23 8.50
C ILE B 94 4.85 20.71 8.34
N CYS B 95 5.20 20.19 7.15
CA CYS B 95 5.19 18.75 6.88
C CYS B 95 6.19 18.01 7.75
N ARG B 96 7.37 18.62 7.99
CA ARG B 96 8.41 18.06 8.85
C ARG B 96 7.96 18.08 10.32
N THR B 97 7.26 19.15 10.75
CA THR B 97 6.74 19.28 12.11
C THR B 97 5.66 18.21 12.34
N TYR B 98 4.75 18.06 11.35
CA TYR B 98 3.67 17.07 11.35
C TYR B 98 4.23 15.65 11.44
N ALA B 99 5.31 15.35 10.68
CA ALA B 99 6.00 14.06 10.63
C ALA B 99 6.47 13.56 11.99
N SER B 100 6.87 14.49 12.88
CA SER B 100 7.39 14.20 14.22
C SER B 100 6.30 13.86 15.24
N TRP B 101 5.03 14.16 14.93
CA TRP B 101 3.89 13.93 15.82
C TRP B 101 3.42 12.50 15.88
N SER B 102 2.89 12.09 17.05
CA SER B 102 2.30 10.76 17.25
C SER B 102 0.92 10.74 16.57
N PRO B 103 0.27 9.56 16.33
CA PRO B 103 -1.05 9.54 15.71
C PRO B 103 -2.11 10.44 16.37
N ASN B 104 -2.13 10.50 17.72
CA ASN B 104 -3.11 11.33 18.44
C ASN B 104 -2.96 12.84 18.21
N ILE B 105 -1.70 13.34 18.10
CA ILE B 105 -1.43 14.77 17.84
C ILE B 105 -1.93 15.12 16.43
N LYS B 106 -1.56 14.28 15.44
CA LYS B 106 -1.97 14.40 14.02
C LYS B 106 -3.50 14.42 13.88
N LEU B 107 -4.21 13.54 14.64
CA LEU B 107 -5.67 13.41 14.63
C LEU B 107 -6.31 14.67 15.23
N GLY B 108 -5.77 15.13 16.36
CA GLY B 108 -6.22 16.34 17.05
C GLY B 108 -6.03 17.59 16.22
N PHE B 109 -4.93 17.64 15.45
CA PHE B 109 -4.58 18.72 14.52
C PHE B 109 -5.64 18.82 13.42
N TRP B 110 -5.95 17.68 12.78
CA TRP B 110 -6.96 17.61 11.72
C TRP B 110 -8.38 17.87 12.22
N TYR B 111 -8.69 17.49 13.48
CA TYR B 111 -9.99 17.77 14.07
C TYR B 111 -10.18 19.29 14.16
N GLU B 112 -9.15 20.01 14.66
CA GLU B 112 -9.16 21.47 14.79
C GLU B 112 -9.28 22.17 13.43
N LEU B 113 -8.57 21.67 12.40
CA LEU B 113 -8.64 22.22 11.04
C LEU B 113 -10.04 22.09 10.46
N GLY B 114 -10.70 20.97 10.74
CA GLY B 114 -12.07 20.71 10.30
C GLY B 114 -13.06 21.70 10.88
N ARG B 115 -12.87 22.04 12.17
CA ARG B 115 -13.68 23.02 12.90
C ARG B 115 -13.46 24.41 12.31
N PHE B 116 -12.20 24.73 11.95
CA PHE B 116 -11.82 25.99 11.32
C PHE B 116 -12.45 26.12 9.93
N MET B 117 -12.51 24.99 9.17
CA MET B 117 -13.12 24.92 7.83
C MET B 117 -14.64 25.12 7.88
N ASP B 118 -15.29 24.68 8.97
CA ASP B 118 -16.73 24.84 9.23
C ASP B 118 -17.03 26.28 9.61
N GLN B 119 -16.13 26.92 10.39
CA GLN B 119 -16.25 28.29 10.88
C GLN B 119 -15.82 29.34 9.83
N GLY B 120 -15.18 28.88 8.76
CA GLY B 120 -14.68 29.75 7.69
C GLY B 120 -13.35 30.40 8.00
N LEU B 121 -12.65 29.91 9.04
CA LEU B 121 -11.34 30.39 9.47
C LEU B 121 -10.23 29.83 8.58
N VAL B 122 -10.46 28.63 8.01
CA VAL B 122 -9.55 27.95 7.10
C VAL B 122 -10.30 27.63 5.79
N ALA B 123 -9.63 27.83 4.63
CA ALA B 123 -10.18 27.62 3.29
C ALA B 123 -10.91 26.28 3.19
N PRO B 124 -12.22 26.31 2.82
CA PRO B 124 -12.99 25.05 2.76
C PRO B 124 -12.81 24.29 1.45
N ILE B 125 -13.36 23.05 1.40
CA ILE B 125 -13.40 22.22 0.20
C ILE B 125 -14.37 22.98 -0.75
N PRO B 126 -13.91 23.45 -1.93
CA PRO B 126 -14.80 24.24 -2.81
C PRO B 126 -16.15 23.56 -3.04
N GLU B 127 -17.25 24.35 -2.94
CA GLU B 127 -18.62 23.85 -3.13
C GLU B 127 -18.79 23.15 -4.49
N GLY B 128 -18.12 23.69 -5.50
CA GLY B 128 -18.13 23.17 -6.87
C GLY B 128 -17.13 22.05 -7.10
N TYR B 129 -16.73 21.31 -6.03
CA TYR B 129 -15.80 20.18 -6.14
C TYR B 129 -16.52 18.87 -6.38
N LYS B 130 -16.08 18.19 -7.44
CA LYS B 130 -16.58 16.89 -7.89
C LYS B 130 -15.43 15.91 -7.76
N LEU B 131 -15.66 14.81 -7.01
CA LEU B 131 -14.66 13.77 -6.81
C LEU B 131 -14.50 13.00 -8.11
N SER B 132 -13.29 12.44 -8.37
CA SER B 132 -13.05 11.63 -9.57
C SER B 132 -13.89 10.34 -9.48
N ALA B 133 -14.07 9.62 -10.60
CA ALA B 133 -14.82 8.37 -10.66
C ALA B 133 -14.27 7.36 -9.66
N ASN B 134 -12.92 7.28 -9.53
CA ASN B 134 -12.26 6.39 -8.59
C ASN B 134 -12.51 6.81 -7.15
N ALA B 135 -12.43 8.13 -6.85
CA ALA B 135 -12.66 8.66 -5.50
C ALA B 135 -14.10 8.41 -5.03
N ASN B 136 -15.08 8.54 -5.96
CA ASN B 136 -16.51 8.29 -5.68
C ASN B 136 -16.74 6.85 -5.28
N ALA B 137 -16.09 5.89 -5.97
CA ALA B 137 -16.20 4.47 -5.68
C ALA B 137 -15.55 4.12 -4.33
N ILE B 138 -14.44 4.81 -3.97
CA ILE B 138 -13.76 4.62 -2.69
C ILE B 138 -14.66 5.12 -1.56
N LEU B 139 -15.34 6.26 -1.76
CA LEU B 139 -16.27 6.85 -0.79
C LEU B 139 -17.46 5.90 -0.54
N VAL B 140 -17.99 5.26 -1.61
CA VAL B 140 -19.08 4.28 -1.53
C VAL B 140 -18.60 3.09 -0.66
N THR B 141 -17.38 2.58 -0.92
CA THR B 141 -16.75 1.48 -0.16
C THR B 141 -16.71 1.81 1.34
N ILE B 142 -16.26 3.04 1.68
CA ILE B 142 -16.12 3.52 3.07
C ILE B 142 -17.50 3.57 3.75
N GLN B 143 -18.53 4.06 3.03
CA GLN B 143 -19.89 4.12 3.55
C GLN B 143 -20.50 2.72 3.76
N GLY B 144 -19.98 1.72 3.04
CA GLY B 144 -20.43 0.33 3.10
C GLY B 144 -19.76 -0.55 4.16
N ILE B 145 -18.62 -0.11 4.72
CA ILE B 145 -17.89 -0.85 5.75
C ILE B 145 -18.36 -0.45 7.15
N ASP B 146 -18.09 -1.30 8.16
CA ASP B 146 -18.51 -1.05 9.54
C ASP B 146 -17.81 0.15 10.22
N PRO B 147 -18.41 0.78 11.26
CA PRO B 147 -17.76 1.96 11.88
C PRO B 147 -16.32 1.77 12.35
N GLY B 148 -16.00 0.59 12.86
CA GLY B 148 -14.66 0.23 13.30
C GLY B 148 -13.64 0.27 12.17
N GLN B 149 -14.05 -0.24 10.99
CA GLN B 149 -13.22 -0.24 9.78
C GLN B 149 -13.12 1.18 9.20
N GLN B 150 -14.23 1.95 9.26
CA GLN B 150 -14.32 3.34 8.78
C GLN B 150 -13.33 4.25 9.50
N ILE B 151 -13.29 4.19 10.84
CA ILE B 151 -12.40 5.02 11.65
C ILE B 151 -10.93 4.62 11.49
N THR B 152 -10.66 3.32 11.22
CA THR B 152 -9.30 2.81 11.02
C THR B 152 -8.75 3.35 9.70
N VAL B 153 -9.62 3.38 8.67
CA VAL B 153 -9.29 3.93 7.34
C VAL B 153 -8.92 5.41 7.50
N LEU B 154 -9.77 6.19 8.21
CA LEU B 154 -9.54 7.61 8.45
C LEU B 154 -8.25 7.89 9.21
N ARG B 155 -8.00 7.13 10.30
CA ARG B 155 -6.80 7.24 11.13
C ARG B 155 -5.54 6.95 10.33
N ASN B 156 -5.53 5.84 9.56
CA ASN B 156 -4.37 5.45 8.74
C ASN B 156 -4.02 6.49 7.68
N CYS B 157 -5.05 7.22 7.15
CA CYS B 157 -4.84 8.29 6.17
C CYS B 157 -4.18 9.51 6.82
N VAL B 158 -4.63 9.87 8.04
CA VAL B 158 -4.10 10.98 8.85
C VAL B 158 -2.62 10.70 9.20
N VAL B 159 -2.33 9.46 9.65
CA VAL B 159 -0.98 9.01 10.05
C VAL B 159 0.00 9.06 8.86
N ASP B 160 -0.43 8.58 7.69
CA ASP B 160 0.39 8.52 6.47
C ASP B 160 0.75 9.91 5.86
N MET B 161 0.24 11.02 6.40
CA MET B 161 0.51 12.38 5.87
C MET B 161 1.81 13.00 6.42
N GLY B 162 2.19 14.16 5.87
CA GLY B 162 3.39 14.89 6.27
C GLY B 162 4.66 14.35 5.64
N PHE B 163 5.80 15.02 5.87
CA PHE B 163 7.08 14.60 5.32
C PHE B 163 7.47 13.19 5.78
N ASP B 164 8.03 12.41 4.86
CA ASP B 164 8.44 11.02 5.09
C ASP B 164 9.44 10.94 6.25
N THR B 165 9.07 10.19 7.32
CA THR B 165 9.86 10.01 8.55
C THR B 165 11.29 9.53 8.28
N SER B 166 11.50 8.75 7.19
CA SER B 166 12.82 8.27 6.75
C SER B 166 13.64 9.49 6.34
N LYS B 167 14.91 9.56 6.80
CA LYS B 167 15.86 10.68 6.62
C LYS B 167 15.25 11.94 7.25
N LEU B 168 15.35 12.00 8.58
CA LEU B 168 14.80 13.05 9.45
C LEU B 168 15.69 14.30 9.54
N GLY B 169 16.99 14.11 9.79
CA GLY B 169 17.96 15.18 9.96
C GLY B 169 18.00 15.72 11.37
N SER B 170 16.80 15.87 11.98
CA SER B 170 16.51 16.35 13.33
C SER B 170 15.07 16.00 13.64
N TYR B 171 14.84 15.06 14.59
CA TYR B 171 13.48 14.66 14.91
C TYR B 171 13.23 14.18 16.32
N GLN B 172 12.68 15.09 17.14
CA GLN B 172 12.24 14.83 18.50
C GLN B 172 10.84 14.24 18.28
N ARG B 173 10.65 12.94 18.59
CA ARG B 173 9.38 12.27 18.43
C ARG B 173 8.41 12.89 19.43
N VAL B 174 7.51 13.75 18.92
CA VAL B 174 6.57 14.49 19.75
C VAL B 174 5.36 13.61 20.10
N ALA B 175 5.21 13.28 21.38
CA ALA B 175 4.11 12.45 21.88
C ALA B 175 3.54 13.04 23.18
N GLU B 176 2.26 12.74 23.47
CA GLU B 176 1.54 13.20 24.67
C GLU B 176 2.22 12.70 25.95
N PRO B 177 2.12 13.42 27.09
CA PRO B 177 2.73 12.92 28.33
C PRO B 177 2.07 11.63 28.80
N VAL B 178 2.86 10.77 29.45
CA VAL B 178 2.39 9.49 29.97
C VAL B 178 1.56 9.74 31.23
N VAL B 179 0.25 9.45 31.17
CA VAL B 179 -0.71 9.62 32.27
C VAL B 179 -0.40 8.56 33.36
N PRO B 180 -0.29 8.94 34.67
CA PRO B 180 0.02 7.92 35.70
C PRO B 180 -0.95 6.75 35.67
N PRO B 181 -0.46 5.49 35.78
CA PRO B 181 -1.39 4.34 35.70
C PRO B 181 -2.52 4.44 36.71
N GLN B 182 -3.71 3.96 36.32
CA GLN B 182 -4.93 3.96 37.13
C GLN B 182 -4.65 3.35 38.52
N GLU B 183 -5.18 3.99 39.58
CA GLU B 183 -5.05 3.54 40.97
C GLU B 183 -5.50 2.08 41.06
N MET B 184 -4.63 1.20 41.60
CA MET B 184 -4.88 -0.24 41.71
C MET B 184 -6.26 -0.58 42.31
N SER B 185 -6.72 0.24 43.29
CA SER B 185 -8.02 0.08 43.97
C SER B 185 -9.21 0.37 43.04
N GLN B 186 -9.01 1.26 42.03
CA GLN B 186 -10.05 1.64 41.08
C GLN B 186 -10.03 0.87 39.76
N ARG B 187 -9.15 -0.13 39.66
CA ARG B 187 -9.01 -0.96 38.45
C ARG B 187 -10.11 -2.00 38.33
N THR B 188 -10.49 -2.30 37.08
CA THR B 188 -11.48 -3.32 36.73
C THR B 188 -10.72 -4.56 36.26
N LYS B 189 -11.33 -5.74 36.39
CA LYS B 189 -10.76 -7.00 35.94
C LYS B 189 -11.61 -7.63 34.86
N VAL B 190 -10.98 -8.02 33.74
CA VAL B 190 -11.70 -8.65 32.63
C VAL B 190 -12.02 -10.10 32.95
N GLN B 191 -13.05 -10.63 32.27
CA GLN B 191 -13.47 -12.03 32.36
C GLN B 191 -13.60 -12.53 30.94
N ILE B 192 -12.88 -13.60 30.61
CA ILE B 192 -12.88 -14.17 29.26
C ILE B 192 -13.40 -15.61 29.33
N GLU B 193 -14.56 -15.87 28.67
CA GLU B 193 -15.18 -17.18 28.62
C GLU B 193 -14.22 -18.13 27.89
N GLY B 194 -13.69 -19.10 28.62
CA GLY B 194 -12.76 -20.08 28.08
C GLY B 194 -11.28 -19.79 28.28
N VAL B 195 -10.92 -18.60 28.82
CA VAL B 195 -9.52 -18.22 29.05
C VAL B 195 -9.28 -17.78 30.49
N THR B 196 -8.42 -18.53 31.21
CA THR B 196 -8.05 -18.24 32.60
C THR B 196 -6.55 -18.00 32.76
N ASN B 197 -5.79 -17.99 31.63
CA ASN B 197 -4.35 -17.76 31.62
C ASN B 197 -4.07 -16.34 32.16
N SER B 198 -3.34 -16.27 33.27
CA SER B 198 -3.03 -15.03 33.99
C SER B 198 -2.23 -14.00 33.19
N THR B 199 -1.37 -14.45 32.26
CA THR B 199 -0.60 -13.54 31.42
C THR B 199 -1.56 -12.77 30.49
N VAL B 200 -2.51 -13.48 29.88
CA VAL B 200 -3.52 -12.90 28.98
C VAL B 200 -4.42 -11.93 29.77
N LEU B 201 -4.86 -12.35 30.97
CA LEU B 201 -5.71 -11.53 31.85
C LEU B 201 -5.00 -10.27 32.34
N GLN B 202 -3.71 -10.41 32.74
CA GLN B 202 -2.90 -9.27 33.21
C GLN B 202 -2.61 -8.30 32.07
N TYR B 203 -2.47 -8.82 30.83
CA TYR B 203 -2.25 -8.06 29.61
C TYR B 203 -3.41 -7.07 29.40
N MET B 204 -4.65 -7.57 29.45
CA MET B 204 -5.88 -6.81 29.27
C MET B 204 -6.06 -5.79 30.40
N ASP B 205 -5.92 -6.24 31.66
CA ASP B 205 -6.08 -5.42 32.87
C ASP B 205 -5.06 -4.29 32.98
N ASN B 206 -3.76 -4.59 32.70
CA ASN B 206 -2.71 -3.57 32.73
C ASN B 206 -2.89 -2.51 31.66
N LEU B 207 -3.27 -2.91 30.44
CA LEU B 207 -3.51 -1.97 29.35
C LEU B 207 -4.74 -1.08 29.62
N ASN B 208 -5.79 -1.65 30.26
CA ASN B 208 -7.02 -0.91 30.62
C ASN B 208 -6.77 0.12 31.73
N ALA B 209 -5.66 -0.06 32.47
CA ALA B 209 -5.24 0.79 33.57
C ALA B 209 -4.08 1.70 33.18
N ASN B 210 -3.61 1.61 31.90
CA ASN B 210 -2.46 2.33 31.34
C ASN B 210 -1.16 1.99 32.10
N ASP B 211 -1.11 0.78 32.68
CA ASP B 211 0.04 0.30 33.44
C ASP B 211 0.99 -0.40 32.48
N PHE B 212 1.73 0.40 31.69
CA PHE B 212 2.68 -0.06 30.68
C PHE B 212 3.93 -0.74 31.23
N ASP B 213 4.38 -0.33 32.43
CA ASP B 213 5.56 -0.90 33.10
C ASP B 213 5.29 -2.33 33.55
N ASN B 214 4.08 -2.60 34.07
CA ASN B 214 3.69 -3.95 34.47
C ASN B 214 3.28 -4.77 33.26
N LEU B 215 2.77 -4.09 32.20
CA LEU B 215 2.36 -4.73 30.95
C LEU B 215 3.57 -5.31 30.20
N ILE B 216 4.65 -4.52 30.08
CA ILE B 216 5.88 -4.95 29.40
C ILE B 216 6.59 -6.13 30.09
N SER B 217 6.43 -6.27 31.42
CA SER B 217 6.99 -7.36 32.23
C SER B 217 6.48 -8.73 31.79
N LEU B 218 5.27 -8.78 31.21
CA LEU B 218 4.60 -9.99 30.71
C LEU B 218 5.21 -10.48 29.39
N PHE B 219 6.00 -9.62 28.73
CA PHE B 219 6.64 -9.93 27.46
C PHE B 219 8.02 -10.51 27.66
N ALA B 220 8.38 -11.50 26.81
CA ALA B 220 9.71 -12.11 26.81
C ALA B 220 10.68 -11.11 26.18
N GLU B 221 11.99 -11.28 26.43
CA GLU B 221 13.04 -10.40 25.87
C GLU B 221 13.02 -10.46 24.33
N ASP B 222 12.68 -11.64 23.80
CA ASP B 222 12.52 -11.98 22.38
C ASP B 222 11.17 -11.48 21.82
N GLY B 223 10.23 -11.18 22.73
CA GLY B 223 8.86 -10.77 22.48
C GLY B 223 8.60 -9.69 21.44
N ALA B 224 7.42 -9.79 20.80
CA ALA B 224 6.97 -8.84 19.78
C ALA B 224 5.45 -8.65 19.80
N LEU B 225 4.98 -7.46 19.37
CA LEU B 225 3.56 -7.09 19.30
C LEU B 225 3.25 -6.63 17.88
N GLN B 226 2.21 -7.20 17.27
CA GLN B 226 1.79 -6.83 15.91
C GLN B 226 0.45 -6.07 15.94
N PRO B 227 0.47 -4.74 15.78
CA PRO B 227 -0.80 -3.98 15.75
C PRO B 227 -1.56 -4.25 14.45
N PRO B 228 -2.88 -3.93 14.34
CA PRO B 228 -3.57 -4.19 13.06
C PRO B 228 -2.93 -3.54 11.84
N PHE B 229 -2.64 -4.39 10.82
CA PHE B 229 -2.07 -4.03 9.52
C PHE B 229 -0.69 -3.37 9.56
N GLN B 230 0.05 -3.62 10.64
CA GLN B 230 1.41 -3.12 10.81
C GLN B 230 2.34 -4.30 10.94
N LYS B 231 3.64 -4.08 10.77
CA LYS B 231 4.63 -5.14 10.92
C LYS B 231 4.87 -5.36 12.42
N PRO B 232 5.29 -6.56 12.88
CA PRO B 232 5.51 -6.73 14.33
C PRO B 232 6.59 -5.81 14.90
N ILE B 233 6.33 -5.27 16.10
CA ILE B 233 7.27 -4.40 16.83
C ILE B 233 8.01 -5.34 17.78
N VAL B 234 9.30 -5.58 17.50
CA VAL B 234 10.18 -6.53 18.22
C VAL B 234 10.97 -5.86 19.34
N GLY B 235 11.06 -6.55 20.48
CA GLY B 235 11.80 -6.09 21.65
C GLY B 235 10.97 -5.30 22.63
N LYS B 236 11.29 -5.45 23.93
CA LYS B 236 10.60 -4.76 25.04
C LYS B 236 10.70 -3.24 24.97
N GLU B 237 11.88 -2.71 24.59
CA GLU B 237 12.12 -1.26 24.49
C GLU B 237 11.20 -0.60 23.46
N ASN B 238 11.12 -1.21 22.26
CA ASN B 238 10.27 -0.76 21.16
C ASN B 238 8.78 -0.91 21.46
N THR B 239 8.39 -2.05 22.06
CA THR B 239 7.00 -2.36 22.44
C THR B 239 6.52 -1.37 23.54
N LEU B 240 7.38 -1.08 24.54
CA LEU B 240 7.05 -0.15 25.63
C LEU B 240 6.83 1.28 25.10
N ARG B 241 7.71 1.73 24.18
CA ARG B 241 7.61 3.05 23.53
C ARG B 241 6.28 3.17 22.77
N PHE B 242 5.89 2.09 22.04
CA PHE B 242 4.63 2.02 21.30
C PHE B 242 3.43 2.17 22.27
N PHE B 243 3.49 1.50 23.43
CA PHE B 243 2.44 1.55 24.47
C PHE B 243 2.28 2.98 24.98
N ARG B 244 3.39 3.60 25.42
CA ARG B 244 3.47 4.95 25.96
C ARG B 244 3.02 6.06 25.00
N GLU B 245 3.34 5.92 23.70
CA GLU B 245 3.01 6.91 22.68
C GLU B 245 1.63 6.75 22.03
N GLU B 246 1.19 5.50 21.82
CA GLU B 246 -0.01 5.21 21.06
C GLU B 246 -1.13 4.45 21.74
N CYS B 247 -0.88 3.84 22.92
CA CYS B 247 -1.88 2.99 23.57
C CYS B 247 -2.51 3.53 24.87
N GLN B 248 -2.57 4.87 25.02
CA GLN B 248 -3.16 5.45 26.23
C GLN B 248 -4.68 5.55 26.11
N ASN B 249 -5.39 5.21 27.20
CA ASN B 249 -6.86 5.28 27.35
C ASN B 249 -7.71 4.38 26.45
N LEU B 250 -7.15 3.22 26.06
CA LEU B 250 -7.90 2.24 25.28
C LEU B 250 -8.82 1.49 26.24
N LYS B 251 -9.97 0.98 25.75
CA LYS B 251 -10.84 0.18 26.58
C LYS B 251 -10.97 -1.18 25.91
N LEU B 252 -10.35 -2.22 26.50
CA LEU B 252 -10.41 -3.57 25.94
C LEU B 252 -11.51 -4.31 26.64
N ILE B 253 -12.48 -4.80 25.85
CA ILE B 253 -13.61 -5.57 26.38
C ILE B 253 -13.58 -6.98 25.76
N PRO B 254 -12.64 -7.85 26.19
CA PRO B 254 -12.61 -9.21 25.62
C PRO B 254 -13.84 -10.00 26.09
N GLU B 255 -14.35 -10.90 25.25
CA GLU B 255 -15.55 -11.67 25.56
C GLU B 255 -15.27 -13.14 25.77
N ARG B 256 -14.59 -13.78 24.80
CA ARG B 256 -14.38 -15.21 24.76
C ARG B 256 -13.05 -15.56 24.09
N GLY B 257 -12.55 -16.75 24.37
CA GLY B 257 -11.31 -17.23 23.78
C GLY B 257 -11.09 -18.72 23.87
N VAL B 258 -10.00 -19.18 23.24
CA VAL B 258 -9.56 -20.57 23.22
C VAL B 258 -8.07 -20.65 23.51
N SER B 259 -7.69 -21.49 24.49
CA SER B 259 -6.30 -21.74 24.90
C SER B 259 -5.95 -23.15 24.44
N GLU B 260 -4.89 -23.26 23.63
CA GLU B 260 -4.47 -24.55 23.06
C GLU B 260 -2.98 -24.81 23.21
N PRO B 261 -2.58 -26.02 23.65
CA PRO B 261 -1.14 -26.33 23.75
C PRO B 261 -0.53 -26.54 22.36
N THR B 262 0.67 -26.00 22.15
CA THR B 262 1.40 -26.12 20.89
C THR B 262 2.66 -26.97 21.09
N GLU B 263 3.58 -26.96 20.10
CA GLU B 263 4.83 -27.71 20.12
C GLU B 263 5.80 -27.14 21.15
N ASP B 264 6.59 -28.03 21.78
CA ASP B 264 7.65 -27.73 22.75
C ASP B 264 7.26 -26.82 23.95
N GLY B 265 6.14 -27.14 24.59
CA GLY B 265 5.66 -26.44 25.77
C GLY B 265 5.04 -25.07 25.56
N TYR B 266 4.97 -24.60 24.31
CA TYR B 266 4.39 -23.30 23.94
C TYR B 266 2.87 -23.35 24.06
N THR B 267 2.25 -22.17 24.24
CA THR B 267 0.79 -22.06 24.34
C THR B 267 0.25 -21.07 23.31
N GLN B 268 -0.77 -21.51 22.57
CA GLN B 268 -1.48 -20.73 21.57
C GLN B 268 -2.81 -20.30 22.17
N ILE B 269 -3.04 -18.99 22.31
CA ILE B 269 -4.29 -18.45 22.87
C ILE B 269 -4.90 -17.40 21.93
N LYS B 270 -6.16 -17.61 21.52
CA LYS B 270 -6.90 -16.67 20.70
C LYS B 270 -8.04 -16.10 21.54
N VAL B 271 -8.15 -14.76 21.58
CA VAL B 271 -9.20 -14.05 22.32
C VAL B 271 -9.92 -13.15 21.32
N THR B 272 -11.25 -13.06 21.40
CA THR B 272 -12.02 -12.15 20.55
C THR B 272 -12.88 -11.27 21.46
N GLY B 273 -13.10 -10.04 21.04
CA GLY B 273 -13.90 -9.09 21.79
C GLY B 273 -14.03 -7.73 21.13
N LYS B 274 -14.34 -6.71 21.93
CA LYS B 274 -14.50 -5.34 21.47
C LYS B 274 -13.41 -4.44 22.05
N VAL B 275 -13.01 -3.40 21.29
CA VAL B 275 -12.05 -2.39 21.73
C VAL B 275 -12.65 -1.01 21.46
N GLN B 276 -12.57 -0.13 22.47
CA GLN B 276 -13.04 1.24 22.36
C GLN B 276 -11.86 2.20 22.38
N THR B 277 -11.82 3.08 21.39
CA THR B 277 -10.78 4.11 21.26
C THR B 277 -11.25 5.37 22.00
N PRO B 278 -10.36 6.11 22.70
CA PRO B 278 -10.79 7.34 23.40
C PRO B 278 -11.36 8.41 22.44
N TRP B 279 -11.08 8.27 21.14
CA TRP B 279 -11.57 9.20 20.10
C TRP B 279 -13.07 9.11 19.88
N PHE B 280 -13.70 7.98 20.23
CA PHE B 280 -15.13 7.78 20.04
C PHE B 280 -15.84 7.19 21.26
N GLY B 281 -15.07 6.57 22.16
CA GLY B 281 -15.59 5.94 23.37
C GLY B 281 -16.56 4.82 23.05
N GLY B 282 -17.72 4.85 23.71
CA GLY B 282 -18.77 3.86 23.53
C GLY B 282 -19.46 3.88 22.17
N ASN B 283 -19.28 4.97 21.40
CA ASN B 283 -19.89 5.15 20.08
C ASN B 283 -19.38 4.18 19.01
N VAL B 284 -18.16 3.65 19.18
CA VAL B 284 -17.56 2.69 18.24
C VAL B 284 -16.98 1.50 19.01
N GLY B 285 -17.46 0.30 18.69
CA GLY B 285 -16.97 -0.95 19.23
C GLY B 285 -16.28 -1.73 18.14
N MET B 286 -14.95 -1.68 18.13
CA MET B 286 -14.16 -2.37 17.11
C MET B 286 -14.09 -3.87 17.38
N ASN B 287 -14.33 -4.69 16.34
CA ASN B 287 -14.27 -6.15 16.45
C ASN B 287 -12.81 -6.55 16.37
N ILE B 288 -12.27 -7.03 17.49
CA ILE B 288 -10.84 -7.36 17.62
C ILE B 288 -10.59 -8.80 18.02
N ALA B 289 -9.47 -9.34 17.53
CA ALA B 289 -8.97 -10.65 17.90
C ALA B 289 -7.54 -10.47 18.37
N TRP B 290 -7.19 -11.13 19.48
CA TRP B 290 -5.84 -11.16 20.03
C TRP B 290 -5.33 -12.57 19.80
N ARG B 291 -4.18 -12.69 19.14
CA ARG B 291 -3.57 -14.00 18.87
C ARG B 291 -2.25 -14.05 19.62
N PHE B 292 -2.26 -14.74 20.76
CA PHE B 292 -1.12 -14.88 21.64
C PHE B 292 -0.38 -16.19 21.39
N LEU B 293 0.95 -16.10 21.44
CA LEU B 293 1.84 -17.25 21.36
C LEU B 293 2.76 -17.08 22.56
N LEU B 294 2.47 -17.85 23.61
CA LEU B 294 3.21 -17.79 24.87
C LEU B 294 4.29 -18.85 24.91
N ASN B 295 5.48 -18.49 25.43
CA ASN B 295 6.61 -19.42 25.55
C ASN B 295 6.37 -20.43 26.70
N PRO B 296 7.17 -21.52 26.87
CA PRO B 296 6.91 -22.45 27.99
C PRO B 296 6.93 -21.83 29.40
N GLU B 297 7.41 -20.58 29.53
CA GLU B 297 7.48 -19.82 30.78
C GLU B 297 6.24 -18.91 30.93
N ASN B 298 5.27 -19.05 29.99
CA ASN B 298 4.02 -18.28 29.90
C ASN B 298 4.17 -16.78 29.63
N LYS B 299 5.36 -16.37 29.16
CA LYS B 299 5.63 -14.99 28.78
C LYS B 299 5.23 -14.79 27.31
N VAL B 300 4.80 -13.56 26.94
CA VAL B 300 4.38 -13.24 25.58
C VAL B 300 5.57 -13.22 24.62
N PHE B 301 5.66 -14.26 23.76
CA PHE B 301 6.71 -14.30 22.74
C PHE B 301 6.20 -13.51 21.53
N PHE B 302 4.87 -13.57 21.29
CA PHE B 302 4.21 -12.86 20.20
C PHE B 302 2.74 -12.67 20.48
N VAL B 303 2.23 -11.48 20.15
CA VAL B 303 0.81 -11.14 20.21
C VAL B 303 0.41 -10.32 18.99
N ALA B 304 -0.55 -10.85 18.22
CA ALA B 304 -1.09 -10.16 17.06
C ALA B 304 -2.46 -9.63 17.42
N ILE B 305 -2.71 -8.36 17.09
CA ILE B 305 -3.99 -7.69 17.33
C ILE B 305 -4.59 -7.46 15.96
N ASP B 306 -5.72 -8.11 15.67
CA ASP B 306 -6.36 -8.01 14.36
C ASP B 306 -7.69 -7.30 14.43
N LEU B 307 -7.96 -6.43 13.43
CA LEU B 307 -9.26 -5.79 13.24
C LEU B 307 -10.01 -6.86 12.45
N LEU B 308 -11.17 -7.29 12.94
CA LEU B 308 -11.93 -8.38 12.29
C LEU B 308 -12.84 -7.92 11.16
N ALA B 309 -12.99 -8.79 10.14
CA ALA B 309 -13.81 -8.54 8.95
C ALA B 309 -15.25 -8.22 9.27
N SER B 310 -15.85 -8.93 10.25
CA SER B 310 -17.25 -8.75 10.65
C SER B 310 -17.46 -9.24 12.10
N PRO B 311 -18.60 -8.92 12.77
CA PRO B 311 -18.83 -9.47 14.13
C PRO B 311 -18.94 -11.00 14.15
N LYS B 312 -19.14 -11.64 12.97
CA LYS B 312 -19.21 -13.09 12.81
C LYS B 312 -17.88 -13.75 13.22
N GLU B 313 -16.75 -13.03 13.02
CA GLU B 313 -15.41 -13.50 13.37
C GLU B 313 -15.17 -13.58 14.87
N LEU B 314 -16.06 -12.98 15.69
CA LEU B 314 -15.97 -13.05 17.16
C LEU B 314 -16.20 -14.49 17.64
N LEU B 315 -16.93 -15.32 16.86
CA LEU B 315 -17.13 -16.73 17.19
C LEU B 315 -16.81 -17.68 16.04
#